data_2Z9Q
# 
_entry.id   2Z9Q 
# 
_audit_conform.dict_name       mmcif_pdbx.dic 
_audit_conform.dict_version    5.387 
_audit_conform.dict_location   http://mmcif.pdb.org/dictionaries/ascii/mmcif_pdbx.dic 
# 
loop_
_database_2.database_id 
_database_2.database_code 
_database_2.pdbx_database_accession 
_database_2.pdbx_DOI 
PDB   2Z9Q         pdb_00002z9q 10.2210/pdb2z9q/pdb 
RCSB  RCSB027698   ?            ?                   
WWPDB D_1000027698 ?            ?                   
# 
loop_
_pdbx_audit_revision_history.ordinal 
_pdbx_audit_revision_history.data_content_type 
_pdbx_audit_revision_history.major_revision 
_pdbx_audit_revision_history.minor_revision 
_pdbx_audit_revision_history.revision_date 
1 'Structure model' 1 0 2007-10-16 
2 'Structure model' 1 1 2011-07-13 
3 'Structure model' 1 2 2019-12-11 
4 'Structure model' 1 3 2024-03-13 
# 
_pdbx_audit_revision_details.ordinal             1 
_pdbx_audit_revision_details.revision_ordinal    1 
_pdbx_audit_revision_details.data_content_type   'Structure model' 
_pdbx_audit_revision_details.provider            repository 
_pdbx_audit_revision_details.type                'Initial release' 
_pdbx_audit_revision_details.description         ? 
_pdbx_audit_revision_details.details             ? 
# 
loop_
_pdbx_audit_revision_group.ordinal 
_pdbx_audit_revision_group.revision_ordinal 
_pdbx_audit_revision_group.data_content_type 
_pdbx_audit_revision_group.group 
1 2 'Structure model' 'Non-polymer description'   
2 2 'Structure model' 'Version format compliance' 
3 3 'Structure model' 'Data collection'           
4 3 'Structure model' 'Database references'       
5 4 'Structure model' 'Data collection'           
6 4 'Structure model' 'Database references'       
7 4 'Structure model' 'Refinement description'    
# 
loop_
_pdbx_audit_revision_category.ordinal 
_pdbx_audit_revision_category.revision_ordinal 
_pdbx_audit_revision_category.data_content_type 
_pdbx_audit_revision_category.category 
1 3 'Structure model' database_2                    
2 3 'Structure model' em_software                   
3 4 'Structure model' chem_comp_atom                
4 4 'Structure model' chem_comp_bond                
5 4 'Structure model' database_2                    
6 4 'Structure model' em_3d_fitting_list            
7 4 'Structure model' pdbx_initial_refinement_model 
# 
loop_
_pdbx_audit_revision_item.ordinal 
_pdbx_audit_revision_item.revision_ordinal 
_pdbx_audit_revision_item.data_content_type 
_pdbx_audit_revision_item.item 
1 3 'Structure model' '_em_software.image_processing_id'                
2 4 'Structure model' '_database_2.pdbx_DOI'                            
3 4 'Structure model' '_database_2.pdbx_database_accession'             
4 4 'Structure model' '_em_3d_fitting_list.accession_code'              
5 4 'Structure model' '_em_3d_fitting_list.initial_refinement_model_id' 
6 4 'Structure model' '_em_3d_fitting_list.source_name'                 
7 4 'Structure model' '_em_3d_fitting_list.type'                        
# 
_pdbx_database_status.status_code                     REL 
_pdbx_database_status.entry_id                        2Z9Q 
_pdbx_database_status.recvd_initial_deposition_date   2007-09-25 
_pdbx_database_status.deposit_site                    PDBJ 
_pdbx_database_status.process_site                    PDBJ 
_pdbx_database_status.status_code_sf                  ? 
_pdbx_database_status.status_code_mr                  ? 
_pdbx_database_status.SG_entry                        ? 
_pdbx_database_status.pdb_format_compatible           Y 
_pdbx_database_status.status_code_cs                  ? 
_pdbx_database_status.methods_development_category    ? 
_pdbx_database_status.status_code_nmr_data            ? 
# 
loop_
_pdbx_database_related.db_name 
_pdbx_database_related.db_id 
_pdbx_database_related.details 
_pdbx_database_related.content_type 
PDB  1TTT     'coordinates for starting the MD simulation'                                         unspecified            
PDB  1PN6     'coordinates of fitting structure of EF-G as a reference position for the P/E-tRNA.' unspecified            
EMDB EMD-1363 .                                                                                    'associated EM volume' 
# 
loop_
_audit_author.name 
_audit_author.pdbx_ordinal 
'Frank, J.' 1 
'Li, W.'    2 
# 
loop_
_citation.id 
_citation.title 
_citation.journal_abbrev 
_citation.journal_volume 
_citation.page_first 
_citation.page_last 
_citation.year 
_citation.journal_id_ASTM 
_citation.country 
_citation.journal_id_ISSN 
_citation.journal_id_CSD 
_citation.book_publisher 
_citation.pdbx_database_id_PubMed 
_citation.pdbx_database_id_DOI 
primary 'Transfer RNA in the hybrid P/E state'       'To be Published'       ?   ?   ?   ?    ?      ?  ?         0353 ? ?        
?                               
1       'Locking and unlocking of ribosomal motions' 'Cell(Cambridge,Mass.)' 114 123 134 2003 CELLB5 US 0092-8674 0998 ? 12859903 
'10.1016/S0092-8674(03)00476-8' 
# 
loop_
_citation_author.citation_id 
_citation_author.name 
_citation_author.ordinal 
_citation_author.identifier_ORCID 
primary 'Li, W.'        1 ? 
primary 'Frank, J.'     2 ? 
1       'Valle, M.'     3 ? 
1       'Zavialov, A.'  4 ? 
1       'Sengupta, J.'  5 ? 
1       'Rawat, U.'     6 ? 
1       'Ehrenberg, M.' 7 ? 
1       'Frank, J.'     8 ? 
# 
_entity.id                         1 
_entity.type                       polymer 
_entity.src_method                 nat 
_entity.pdbx_description           tRNA 
_entity.formula_weight             24544.916 
_entity.pdbx_number_of_molecules   1 
_entity.pdbx_ec                    ? 
_entity.pdbx_mutation              ? 
_entity.pdbx_fragment              ? 
_entity.details                    ? 
# 
_entity_poly.entity_id                      1 
_entity_poly.type                           polyribonucleotide 
_entity_poly.nstd_linkage                   no 
_entity_poly.nstd_monomer                   yes 
_entity_poly.pdbx_seq_one_letter_code       
;CGGAUUUA(2MG)CUCAG(H2U)(H2U)GGGAGAGC(M2G)CCAGA(OMC)U(OMG)AA(YYG)A(PSU)(5MC)UGGAG
(7MG)UC(5MC)UGUG(5MU)(PSU)CG(1MA)UCCACAGAAUUCGCACCA
;
_entity_poly.pdbx_seq_one_letter_code_can   CGGAUUUAGCUCAGUUGGGAGAGCGCCAGACUGAAGAUCUGGAGGUCCUGUGUUCGAUCCACAGAAUUCGCACCA 
_entity_poly.pdbx_strand_id                 A 
_entity_poly.pdbx_target_identifier         ? 
# 
loop_
_entity_poly_seq.entity_id 
_entity_poly_seq.num 
_entity_poly_seq.mon_id 
_entity_poly_seq.hetero 
1 1  C   n 
1 2  G   n 
1 3  G   n 
1 4  A   n 
1 5  U   n 
1 6  U   n 
1 7  U   n 
1 8  A   n 
1 9  2MG n 
1 10 C   n 
1 11 U   n 
1 12 C   n 
1 13 A   n 
1 14 G   n 
1 15 H2U n 
1 16 H2U n 
1 17 G   n 
1 18 G   n 
1 19 G   n 
1 20 A   n 
1 21 G   n 
1 22 A   n 
1 23 G   n 
1 24 C   n 
1 25 M2G n 
1 26 C   n 
1 27 C   n 
1 28 A   n 
1 29 G   n 
1 30 A   n 
1 31 OMC n 
1 32 U   n 
1 33 OMG n 
1 34 A   n 
1 35 A   n 
1 36 YYG n 
1 37 A   n 
1 38 PSU n 
1 39 5MC n 
1 40 U   n 
1 41 G   n 
1 42 G   n 
1 43 A   n 
1 44 G   n 
1 45 7MG n 
1 46 U   n 
1 47 C   n 
1 48 5MC n 
1 49 U   n 
1 50 G   n 
1 51 U   n 
1 52 G   n 
1 53 5MU n 
1 54 PSU n 
1 55 C   n 
1 56 G   n 
1 57 1MA n 
1 58 U   n 
1 59 C   n 
1 60 C   n 
1 61 A   n 
1 62 C   n 
1 63 A   n 
1 64 G   n 
1 65 A   n 
1 66 A   n 
1 67 U   n 
1 68 U   n 
1 69 C   n 
1 70 G   n 
1 71 C   n 
1 72 A   n 
1 73 C   n 
1 74 C   n 
1 75 A   n 
# 
_entity_src_nat.entity_id                  1 
_entity_src_nat.pdbx_src_id                1 
_entity_src_nat.pdbx_alt_source_flag       sample 
_entity_src_nat.pdbx_beg_seq_num           ? 
_entity_src_nat.pdbx_end_seq_num           ? 
_entity_src_nat.common_name                ? 
_entity_src_nat.pdbx_organism_scientific   'Thermus aquaticus' 
_entity_src_nat.pdbx_ncbi_taxonomy_id      271 
_entity_src_nat.genus                      Thermus 
_entity_src_nat.species                    ? 
_entity_src_nat.strain                     ? 
_entity_src_nat.tissue                     ? 
_entity_src_nat.tissue_fraction            ? 
_entity_src_nat.pdbx_secretion             ? 
_entity_src_nat.pdbx_fragment              ? 
_entity_src_nat.pdbx_variant               ? 
_entity_src_nat.pdbx_cell_line             ? 
_entity_src_nat.pdbx_atcc                  ? 
_entity_src_nat.pdbx_cellular_location     ? 
_entity_src_nat.pdbx_organ                 ? 
_entity_src_nat.pdbx_organelle             ? 
_entity_src_nat.pdbx_cell                  ? 
_entity_src_nat.pdbx_plasmid_name          ? 
_entity_src_nat.pdbx_plasmid_details       ? 
_entity_src_nat.details                    ? 
# 
loop_
_chem_comp.id 
_chem_comp.type 
_chem_comp.mon_nstd_flag 
_chem_comp.name 
_chem_comp.pdbx_synonyms 
_chem_comp.formula 
_chem_comp.formula_weight 
1MA 'RNA linking' n "6-HYDRO-1-METHYLADENOSINE-5'-MONOPHOSPHATE" ?                                 'C11 H16 N5 O7 P'  361.248 
2MG 'RNA linking' n "2N-METHYLGUANOSINE-5'-MONOPHOSPHATE" ?                                 'C11 H16 N5 O8 P'  377.247 
5MC 'RNA linking' n "5-METHYLCYTIDINE-5'-MONOPHOSPHATE" ?                                 'C10 H16 N3 O8 P'  337.223 
5MU 'RNA linking' n 
;5-METHYLURIDINE 5'-MONOPHOSPHATE
;
?                                 'C10 H15 N2 O9 P'  338.208 
7MG 'RNA linking' n "7N-METHYL-8-HYDROGUANOSINE-5'-MONOPHOSPHATE" ?                                 'C11 H18 N5 O8 P'  379.263 
A   'RNA linking' y "ADENOSINE-5'-MONOPHOSPHATE" ?                                 'C10 H14 N5 O7 P'  347.221 
C   'RNA linking' y "CYTIDINE-5'-MONOPHOSPHATE" ?                                 'C9 H14 N3 O8 P'   323.197 
G   'RNA linking' y "GUANOSINE-5'-MONOPHOSPHATE" ?                                 'C10 H14 N5 O8 P'  363.221 
H2U 'RNA linking' n "5,6-DIHYDROURIDINE-5'-MONOPHOSPHATE" ?                                 'C9 H15 N2 O9 P'   326.197 
M2G 'RNA linking' n "N2-DIMETHYLGUANOSINE-5'-MONOPHOSPHATE" ?                                 'C12 H18 N5 O8 P'  391.274 
OMC 'RNA linking' n "O2'-METHYLYCYTIDINE-5'-MONOPHOSPHATE" ?                                 'C10 H16 N3 O8 P'  337.223 
OMG 'RNA linking' n "O2'-METHYLGUANOSINE-5'-MONOPHOSPHATE" ?                                 'C11 H16 N5 O8 P'  377.247 
PSU 'RNA linking' n "PSEUDOURIDINE-5'-MONOPHOSPHATE" ?                                 'C9 H13 N2 O9 P'   324.181 
U   'RNA linking' y "URIDINE-5'-MONOPHOSPHATE" ?                                 'C9 H13 N2 O9 P'   324.181 
YYG 'RNA linking' n 
'4-(3-[5-O-PHOSPHONORIBOFURANOSYL]-4,6-DIMETHYL-8-OXO-4,8-DIHYDRO-3H-1,3,4,5,7A-PENTAAZA-S-INDACEN-YLAMINO-BUTYRIC ACID METHYL ESTER' 
;MODIFIED GUANOSINE-5'-PHOSPHATE
;
'C21 H29 N6 O12 P' 588.462 
# 
loop_
_pdbx_poly_seq_scheme.asym_id 
_pdbx_poly_seq_scheme.entity_id 
_pdbx_poly_seq_scheme.seq_id 
_pdbx_poly_seq_scheme.mon_id 
_pdbx_poly_seq_scheme.ndb_seq_num 
_pdbx_poly_seq_scheme.pdb_seq_num 
_pdbx_poly_seq_scheme.auth_seq_num 
_pdbx_poly_seq_scheme.pdb_mon_id 
_pdbx_poly_seq_scheme.auth_mon_id 
_pdbx_poly_seq_scheme.pdb_strand_id 
_pdbx_poly_seq_scheme.pdb_ins_code 
_pdbx_poly_seq_scheme.hetero 
A 1 1  C   1  1  1  C   C   A . n 
A 1 2  G   2  2  2  G   G   A . n 
A 1 3  G   3  3  3  G   G   A . n 
A 1 4  A   4  4  4  A   A   A . n 
A 1 5  U   5  5  5  U   U   A . n 
A 1 6  U   6  6  6  U   U   A . n 
A 1 7  U   7  7  7  U   U   A . n 
A 1 8  A   8  8  8  A   A   A . n 
A 1 9  2MG 9  9  9  2MG 2MG A . n 
A 1 10 C   10 10 10 C   C   A . n 
A 1 11 U   11 11 11 U   U   A . n 
A 1 12 C   12 12 12 C   C   A . n 
A 1 13 A   13 13 13 A   A   A . n 
A 1 14 G   14 14 14 G   G   A . n 
A 1 15 H2U 15 15 15 H2U H2U A . n 
A 1 16 H2U 16 16 16 H2U H2U A . n 
A 1 17 G   17 17 17 G   G   A . n 
A 1 18 G   18 18 18 G   G   A . n 
A 1 19 G   19 19 19 G   G   A . n 
A 1 20 A   20 20 20 A   A   A . n 
A 1 21 G   21 21 21 G   G   A . n 
A 1 22 A   22 22 22 A   A   A . n 
A 1 23 G   23 23 23 G   G   A . n 
A 1 24 C   24 24 24 C   C   A . n 
A 1 25 M2G 25 25 25 M2G M2G A . n 
A 1 26 C   26 26 26 C   C   A . n 
A 1 27 C   27 27 27 C   C   A . n 
A 1 28 A   28 28 28 A   A   A . n 
A 1 29 G   29 29 29 G   G   A . n 
A 1 30 A   30 30 30 A   A   A . n 
A 1 31 OMC 31 31 31 OMC OMC A . n 
A 1 32 U   32 32 32 U   U   A . n 
A 1 33 OMG 33 33 33 OMG OMG A . n 
A 1 34 A   34 34 34 A   A   A . n 
A 1 35 A   35 35 35 A   A   A . n 
A 1 36 YYG 36 36 36 YYG YYG A . n 
A 1 37 A   37 37 37 A   A   A . n 
A 1 38 PSU 38 38 38 PSU PSU A . n 
A 1 39 5MC 39 39 39 5MC 5MC A . n 
A 1 40 U   40 40 40 U   U   A . n 
A 1 41 G   41 41 41 G   G   A . n 
A 1 42 G   42 42 42 G   G   A . n 
A 1 43 A   43 43 43 A   A   A . n 
A 1 44 G   44 44 44 G   G   A . n 
A 1 45 7MG 45 45 45 7MG 7MG A . n 
A 1 46 U   46 46 46 U   U   A . n 
A 1 47 C   47 47 47 C   C   A . n 
A 1 48 5MC 48 48 48 5MC 5MC A . n 
A 1 49 U   49 49 49 U   U   A . n 
A 1 50 G   50 50 50 G   G   A . n 
A 1 51 U   51 51 51 U   U   A . n 
A 1 52 G   52 52 52 G   G   A . n 
A 1 53 5MU 53 53 53 5MU 5MU A . n 
A 1 54 PSU 54 54 54 PSU PSU A . n 
A 1 55 C   55 55 55 C   C   A . n 
A 1 56 G   56 56 56 G   G   A . n 
A 1 57 1MA 57 57 57 1MA 1MA A . n 
A 1 58 U   58 58 58 U   U   A . n 
A 1 59 C   59 59 59 C   C   A . n 
A 1 60 C   60 60 60 C   C   A . n 
A 1 61 A   61 61 61 A   A   A . n 
A 1 62 C   62 62 62 C   C   A . n 
A 1 63 A   63 63 63 A   A   A . n 
A 1 64 G   64 64 64 G   G   A . n 
A 1 65 A   65 65 65 A   A   A . n 
A 1 66 A   66 66 66 A   A   A . n 
A 1 67 U   67 67 67 U   U   A . n 
A 1 68 U   68 68 68 U   U   A . n 
A 1 69 C   69 69 69 C   C   A . n 
A 1 70 G   70 70 70 G   G   A . n 
A 1 71 C   71 71 71 C   C   A . n 
A 1 72 A   72 72 72 A   A   A . n 
A 1 73 C   73 73 73 C   C   A . n 
A 1 74 C   74 74 74 C   C   A . n 
A 1 75 A   75 75 75 A   A   A . n 
# 
_cell.entry_id           2Z9Q 
_cell.length_a           1.000 
_cell.length_b           1.000 
_cell.length_c           1.000 
_cell.angle_alpha        90.00 
_cell.angle_beta         90.00 
_cell.angle_gamma        90.00 
_cell.Z_PDB              1 
_cell.pdbx_unique_axis   ? 
_cell.length_a_esd       ? 
_cell.length_b_esd       ? 
_cell.length_c_esd       ? 
_cell.angle_alpha_esd    ? 
_cell.angle_beta_esd     ? 
_cell.angle_gamma_esd    ? 
# 
_symmetry.entry_id                         2Z9Q 
_symmetry.space_group_name_H-M             'P 1' 
_symmetry.pdbx_full_space_group_name_H-M   ? 
_symmetry.cell_setting                     ? 
_symmetry.Int_Tables_number                1 
# 
_exptl.entry_id          2Z9Q 
_exptl.method            'ELECTRON MICROSCOPY' 
_exptl.crystals_number   ? 
# 
_exptl_crystal.id                    1 
_exptl_crystal.density_meas          ? 
_exptl_crystal.density_Matthews      ? 
_exptl_crystal.density_percent_sol   ? 
_exptl_crystal.description           ? 
# 
_diffrn.id                     1 
_diffrn.ambient_temp           ? 
_diffrn.ambient_temp_details   ? 
_diffrn.crystal_id             1 
# 
_diffrn_radiation.diffrn_id                        1 
_diffrn_radiation.wavelength_id                    1 
_diffrn_radiation.pdbx_monochromatic_or_laue_m_l   M 
_diffrn_radiation.monochromator                    ? 
_diffrn_radiation.pdbx_diffrn_protocol             'SINGLE WAVELENGTH' 
_diffrn_radiation.pdbx_scattering_type             x-ray 
# 
_diffrn_radiation_wavelength.id           1 
_diffrn_radiation_wavelength.wavelength   . 
_diffrn_radiation_wavelength.wt           1.0 
# 
_refine_hist.pdbx_refine_id                   'ELECTRON MICROSCOPY' 
_refine_hist.cycle_id                         LAST 
_refine_hist.pdbx_number_atoms_protein        0 
_refine_hist.pdbx_number_atoms_nucleic_acid   75 
_refine_hist.pdbx_number_atoms_ligand         0 
_refine_hist.number_atoms_solvent             0 
_refine_hist.number_atoms_total               75 
_refine_hist.d_res_high                       . 
_refine_hist.d_res_low                        . 
# 
_struct.entry_id                  2Z9Q 
_struct.title                     'Transfer RNA in the hybrid P/E state' 
_struct.pdbx_model_details        ? 
_struct.pdbx_CASP_flag            ? 
_struct.pdbx_model_type_details   ? 
# 
_struct_keywords.entry_id        2Z9Q 
_struct_keywords.pdbx_keywords   RNA 
_struct_keywords.text            'distorted anticodon-stem-loop, twisted CCA arm, RNA' 
# 
_struct_asym.id                            A 
_struct_asym.pdbx_blank_PDB_chainid_flag   N 
_struct_asym.pdbx_modified                 N 
_struct_asym.entity_id                     1 
_struct_asym.details                       ? 
# 
_struct_ref.id                         1 
_struct_ref.db_name                    PDB 
_struct_ref.db_code                    2Z9Q 
_struct_ref.entity_id                  1 
_struct_ref.pdbx_seq_one_letter_code   
;CGGAUUUA(2MG)CUCAG(H2U)(H2U)GGGAGAGC(M2G)CCAGA(OMC)U(OMG)AA(YYG)A(PSU)(5MC)UGGAG
(7MG)UC(5MC)UGUG(5MU)(PSU)CG(1MA)UCCACAGAAUUCGCACCA
;
_struct_ref.pdbx_align_begin           1 
_struct_ref.pdbx_db_accession          2Z9Q 
_struct_ref.pdbx_db_isoform            ? 
# 
_struct_ref_seq.align_id                      1 
_struct_ref_seq.ref_id                        1 
_struct_ref_seq.pdbx_PDB_id_code              2Z9Q 
_struct_ref_seq.pdbx_strand_id                A 
_struct_ref_seq.seq_align_beg                 1 
_struct_ref_seq.pdbx_seq_align_beg_ins_code   ? 
_struct_ref_seq.seq_align_end                 75 
_struct_ref_seq.pdbx_seq_align_end_ins_code   ? 
_struct_ref_seq.pdbx_db_accession             2Z9Q 
_struct_ref_seq.db_align_beg                  1 
_struct_ref_seq.pdbx_db_align_beg_ins_code    ? 
_struct_ref_seq.db_align_end                  75 
_struct_ref_seq.pdbx_db_align_end_ins_code    ? 
_struct_ref_seq.pdbx_auth_seq_align_beg       1 
_struct_ref_seq.pdbx_auth_seq_align_end       75 
# 
_pdbx_struct_assembly.id                   1 
_pdbx_struct_assembly.details              author_defined_assembly 
_pdbx_struct_assembly.method_details       ? 
_pdbx_struct_assembly.oligomeric_details   monomeric 
_pdbx_struct_assembly.oligomeric_count     1 
# 
_pdbx_struct_assembly_gen.assembly_id       1 
_pdbx_struct_assembly_gen.oper_expression   1 
_pdbx_struct_assembly_gen.asym_id_list      A 
# 
_pdbx_struct_oper_list.id                   1 
_pdbx_struct_oper_list.type                 'identity operation' 
_pdbx_struct_oper_list.name                 1_555 
_pdbx_struct_oper_list.symmetry_operation   x,y,z 
_pdbx_struct_oper_list.matrix[1][1]         1.0000000000 
_pdbx_struct_oper_list.matrix[1][2]         0.0000000000 
_pdbx_struct_oper_list.matrix[1][3]         0.0000000000 
_pdbx_struct_oper_list.vector[1]            0.0000000000 
_pdbx_struct_oper_list.matrix[2][1]         0.0000000000 
_pdbx_struct_oper_list.matrix[2][2]         1.0000000000 
_pdbx_struct_oper_list.matrix[2][3]         0.0000000000 
_pdbx_struct_oper_list.vector[2]            0.0000000000 
_pdbx_struct_oper_list.matrix[3][1]         0.0000000000 
_pdbx_struct_oper_list.matrix[3][2]         0.0000000000 
_pdbx_struct_oper_list.matrix[3][3]         1.0000000000 
_pdbx_struct_oper_list.vector[3]            0.0000000000 
# 
_struct_biol.id        1 
_struct_biol.details   ? 
# 
loop_
_pdbx_struct_mod_residue.id 
_pdbx_struct_mod_residue.label_asym_id 
_pdbx_struct_mod_residue.label_comp_id 
_pdbx_struct_mod_residue.label_seq_id 
_pdbx_struct_mod_residue.auth_asym_id 
_pdbx_struct_mod_residue.auth_comp_id 
_pdbx_struct_mod_residue.auth_seq_id 
_pdbx_struct_mod_residue.PDB_ins_code 
_pdbx_struct_mod_residue.parent_comp_id 
_pdbx_struct_mod_residue.details 
1  A 2MG 9  A 2MG 9  ? G "2N-METHYLGUANOSINE-5'-MONOPHOSPHATE"   
2  A H2U 15 A H2U 15 ? U "5,6-DIHYDROURIDINE-5'-MONOPHOSPHATE"   
3  A H2U 16 A H2U 16 ? U "5,6-DIHYDROURIDINE-5'-MONOPHOSPHATE"   
4  A M2G 25 A M2G 25 ? G "N2-DIMETHYLGUANOSINE-5'-MONOPHOSPHATE" 
5  A OMC 31 A OMC 31 ? C "O2'-METHYLYCYTIDINE-5'-MONOPHOSPHATE"  
6  A OMG 33 A OMG 33 ? G "O2'-METHYLGUANOSINE-5'-MONOPHOSPHATE"  
7  A YYG 36 A YYG 36 ? G ?                                       
8  A PSU 38 A PSU 38 ? U "PSEUDOURIDINE-5'-MONOPHOSPHATE"        
9  A 5MC 39 A 5MC 39 ? C "5-METHYLCYTIDINE-5'-MONOPHOSPHATE"     
10 A 7MG 45 A 7MG 45 ? G ?                                       
11 A 5MC 48 A 5MC 48 ? C "5-METHYLCYTIDINE-5'-MONOPHOSPHATE"     
12 A 5MU 53 A 5MU 53 ? U 
;5-METHYLURIDINE 5'-MONOPHOSPHATE
;
13 A PSU 54 A PSU 54 ? U "PSEUDOURIDINE-5'-MONOPHOSPHATE"        
14 A 1MA 57 A 1MA 57 ? A ?                                       
# 
_em_3d_fitting.id                1 
_em_3d_fitting.entry_id          2Z9Q 
_em_3d_fitting.ref_protocol      OTHER 
_em_3d_fitting.ref_space         REAL 
_em_3d_fitting.overall_b_value   ? 
_em_3d_fitting.target_criteria   'cross correlation coefficient' 
_em_3d_fitting.details           'REFINEMENT PROTOCOL--auto' 
_em_3d_fitting.method            ? 
# 
_em_3d_fitting_list.3d_fitting_id                 1 
_em_3d_fitting_list.id                            1 
_em_3d_fitting_list.pdb_entry_id                  1TTT 
_em_3d_fitting_list.pdb_chain_id                  ? 
_em_3d_fitting_list.details                       ? 
_em_3d_fitting_list.initial_refinement_model_id   1 
_em_3d_fitting_list.chain_id                      ? 
_em_3d_fitting_list.chain_residue_range           ? 
_em_3d_fitting_list.pdb_chain_residue_range       ? 
_em_3d_fitting_list.source_name                   PDB 
_em_3d_fitting_list.type                          'experimental model' 
_em_3d_fitting_list.accession_code                1TTT 
# 
_em_3d_reconstruction.entry_id                    2Z9Q 
_em_3d_reconstruction.id                          1 
_em_3d_reconstruction.symmetry_type               POINT 
_em_3d_reconstruction.image_processing_id         1 
_em_3d_reconstruction.method                      'single particle reconstruction' 
_em_3d_reconstruction.nominal_pixel_size          2.80 
_em_3d_reconstruction.actual_pixel_size           2.82 
_em_3d_reconstruction.resolution                  11.7 
_em_3d_reconstruction.magnification_calibration   TMV 
_em_3d_reconstruction.details                     'THE STRUCTURE CONTAINS P ATOMS ONLY' 
_em_3d_reconstruction.resolution_method           ? 
_em_3d_reconstruction.num_class_averages          ? 
_em_3d_reconstruction.num_particles               ? 
_em_3d_reconstruction.algorithm                   ? 
# 
_em_buffer.id            1 
_em_buffer.specimen_id   1 
_em_buffer.name          polymix 
_em_buffer.pH            7.5 
_em_buffer.details       polymix 
# 
_em_entity_assembly.id                   1 
_em_entity_assembly.name                 'EF-G bound Release Complex in the presence of Puromycin and GDPNP' 
_em_entity_assembly.type                 RIBOSOME 
_em_entity_assembly.parent_id            0 
_em_entity_assembly.synonym              ? 
_em_entity_assembly.details              ? 
_em_entity_assembly.oligomeric_details   ? 
# 
_em_image_scans.entry_id                2Z9Q 
_em_image_scans.id                      1 
_em_image_scans.image_recording_id      1 
_em_image_scans.number_digital_images   38858 
_em_image_scans.citation_id             ? 
_em_image_scans.od_range                ? 
_em_image_scans.quant_bit_size          ? 
_em_image_scans.sampling_size           ? 
_em_image_scans.scanner_model           ? 
_em_image_scans.details                 ? 
# 
_em_imaging.entry_id                        2Z9Q 
_em_imaging.id                              1 
_em_imaging.microscope_model                'FEI TECNAI F20' 
_em_imaging.mode                            'BRIGHT FIELD' 
_em_imaging.illumination_mode               'FLOOD BEAM' 
_em_imaging.electron_source                 'FIELD EMISSION GUN' 
_em_imaging.specimen_id                     1 
_em_imaging.date                            2001-06-01 
_em_imaging.temperature                     80 
_em_imaging.nominal_defocus_min             1.750 
_em_imaging.nominal_defocus_max             3.925 
_em_imaging.tilt_angle_min                  0 
_em_imaging.tilt_angle_max                  0 
_em_imaging.nominal_cs                      2.00 
_em_imaging.nominal_magnification           50000 
_em_imaging.calibrated_magnification        49696 
_em_imaging.accelerating_voltage            200 
_em_imaging.details                         'SAMPLES WERE MAINTAINED AT LIQUID NITROGEN' 
_em_imaging.specimen_holder_type            . 
_em_imaging.specimen_holder_model           . 
_em_imaging.citation_id                     ? 
_em_imaging.detector_distance               ? 
_em_imaging.recording_temperature_maximum   ? 
_em_imaging.recording_temperature_minimum   ? 
_em_imaging.astigmatism                     ? 
_em_imaging.electron_beam_tilt_params       ? 
# 
_em_sample_support.id               1 
_em_sample_support.specimen_id      1 
_em_sample_support.details          'carbon on quantifoil grids' 
_em_sample_support.film_material    ? 
_em_sample_support.grid_material    ? 
_em_sample_support.grid_mesh_size   ? 
_em_sample_support.grid_type        ? 
_em_sample_support.method           ? 
# 
_em_vitrification.entry_id              2Z9Q 
_em_vitrification.id                    1 
_em_vitrification.cryogen_name          ETHANE 
_em_vitrification.details               'PLUNGED INTO ETHANE' 
_em_vitrification.citation_id           ? 
_em_vitrification.humidity              ? 
_em_vitrification.instrument            ? 
_em_vitrification.method                ? 
_em_vitrification.specimen_id           1 
_em_vitrification.temp                  ? 
_em_vitrification.time_resolved_state   ? 
# 
_em_experiment.entry_id                2Z9Q 
_em_experiment.id                      1 
_em_experiment.aggregation_state       PARTICLE 
_em_experiment.entity_assembly_id      1 
_em_experiment.reconstruction_method   'SINGLE PARTICLE' 
# 
_em_single_particle_entity.entry_id              2Z9Q 
_em_single_particle_entity.id                    1 
_em_single_particle_entity.point_symmetry        C1 
_em_single_particle_entity.image_processing_id   1 
# 
loop_
_chem_comp_atom.comp_id 
_chem_comp_atom.atom_id 
_chem_comp_atom.type_symbol 
_chem_comp_atom.pdbx_aromatic_flag 
_chem_comp_atom.pdbx_stereo_config 
_chem_comp_atom.pdbx_ordinal 
1MA P      P N N 1   
1MA OP1    O N N 2   
1MA OP2    O N N 3   
1MA OP3    O N N 4   
1MA "O5'"  O N N 5   
1MA "C5'"  C N N 6   
1MA "C4'"  C N R 7   
1MA "O4'"  O N N 8   
1MA "C3'"  C N S 9   
1MA "O3'"  O N N 10  
1MA "C2'"  C N R 11  
1MA "O2'"  O N N 12  
1MA "C1'"  C N R 13  
1MA N9     N Y N 14  
1MA C8     C Y N 15  
1MA N7     N Y N 16  
1MA C5     C Y N 17  
1MA C6     C N N 18  
1MA N6     N N N 19  
1MA N1     N N N 20  
1MA CM1    C N N 21  
1MA C2     C N N 22  
1MA N3     N N N 23  
1MA C4     C Y N 24  
1MA HOP2   H N N 25  
1MA HOP3   H N N 26  
1MA "H5'"  H N N 27  
1MA "H5''" H N N 28  
1MA "H4'"  H N N 29  
1MA "H3'"  H N N 30  
1MA "HO3'" H N N 31  
1MA "H2'"  H N N 32  
1MA "HO2'" H N N 33  
1MA "H1'"  H N N 34  
1MA H8     H N N 35  
1MA HN61   H N N 36  
1MA HM11   H N N 37  
1MA HM12   H N N 38  
1MA HM13   H N N 39  
1MA H2     H N N 40  
2MG P      P N N 41  
2MG OP1    O N N 42  
2MG OP2    O N N 43  
2MG OP3    O N N 44  
2MG "O5'"  O N N 45  
2MG "C5'"  C N N 46  
2MG "C4'"  C N R 47  
2MG "O4'"  O N N 48  
2MG "C3'"  C N S 49  
2MG "O3'"  O N N 50  
2MG "C2'"  C N R 51  
2MG "O2'"  O N N 52  
2MG "C1'"  C N R 53  
2MG N9     N Y N 54  
2MG C8     C Y N 55  
2MG N7     N Y N 56  
2MG C5     C Y N 57  
2MG C6     C N N 58  
2MG O6     O N N 59  
2MG N1     N N N 60  
2MG C2     C N N 61  
2MG N2     N N N 62  
2MG CM2    C N N 63  
2MG N3     N N N 64  
2MG C4     C Y N 65  
2MG HOP2   H N N 66  
2MG HOP3   H N N 67  
2MG "H5'"  H N N 68  
2MG "H5''" H N N 69  
2MG "H4'"  H N N 70  
2MG "H3'"  H N N 71  
2MG "HO3'" H N N 72  
2MG "H2'"  H N N 73  
2MG "HO2'" H N N 74  
2MG "H1'"  H N N 75  
2MG H8     H N N 76  
2MG HN1    H N N 77  
2MG HN2    H N N 78  
2MG HM21   H N N 79  
2MG HM22   H N N 80  
2MG HM23   H N N 81  
5MC P      P N N 82  
5MC OP1    O N N 83  
5MC OP2    O N N 84  
5MC OP3    O N N 85  
5MC "O5'"  O N N 86  
5MC "C5'"  C N N 87  
5MC "C4'"  C N R 88  
5MC "O4'"  O N N 89  
5MC "C3'"  C N S 90  
5MC "O3'"  O N N 91  
5MC "C2'"  C N R 92  
5MC "O2'"  O N N 93  
5MC "C1'"  C N R 94  
5MC N1     N N N 95  
5MC C2     C N N 96  
5MC O2     O N N 97  
5MC N3     N N N 98  
5MC C4     C N N 99  
5MC N4     N N N 100 
5MC C5     C N N 101 
5MC C6     C N N 102 
5MC CM5    C N N 103 
5MC HOP2   H N N 104 
5MC HOP3   H N N 105 
5MC "H5'"  H N N 106 
5MC "H5''" H N N 107 
5MC "H4'"  H N N 108 
5MC "H3'"  H N N 109 
5MC "HO3'" H N N 110 
5MC "H2'"  H N N 111 
5MC "HO2'" H N N 112 
5MC "H1'"  H N N 113 
5MC HN41   H N N 114 
5MC HN42   H N N 115 
5MC H6     H N N 116 
5MC HM51   H N N 117 
5MC HM52   H N N 118 
5MC HM53   H N N 119 
5MU N1     N N N 120 
5MU C2     C N N 121 
5MU N3     N N N 122 
5MU C4     C N N 123 
5MU C5     C N N 124 
5MU C5M    C N N 125 
5MU C6     C N N 126 
5MU O2     O N N 127 
5MU O4     O N N 128 
5MU "C1'"  C N R 129 
5MU "C2'"  C N R 130 
5MU "O2'"  O N N 131 
5MU "C3'"  C N S 132 
5MU "C4'"  C N R 133 
5MU "O3'"  O N N 134 
5MU "O4'"  O N N 135 
5MU "C5'"  C N N 136 
5MU "O5'"  O N N 137 
5MU P      P N N 138 
5MU OP1    O N N 139 
5MU OP2    O N N 140 
5MU OP3    O N N 141 
5MU HN3    H N N 142 
5MU H71    H N N 143 
5MU H72    H N N 144 
5MU H73    H N N 145 
5MU H6     H N N 146 
5MU "H1'"  H N N 147 
5MU "H2'"  H N N 148 
5MU "HO2'" H N N 149 
5MU "H3'"  H N N 150 
5MU "H4'"  H N N 151 
5MU "HO3'" H N N 152 
5MU "H5'"  H N N 153 
5MU "H5''" H N N 154 
5MU HOP2   H N N 155 
5MU HOP3   H N N 156 
7MG P      P N N 157 
7MG OP1    O N N 158 
7MG OP2    O N N 159 
7MG OP3    O N N 160 
7MG "O5'"  O N N 161 
7MG "C5'"  C N N 162 
7MG "C4'"  C N R 163 
7MG "O4'"  O N N 164 
7MG "C3'"  C N S 165 
7MG "O3'"  O N N 166 
7MG "C2'"  C N R 167 
7MG "O2'"  O N N 168 
7MG "C1'"  C N R 169 
7MG N9     N N N 170 
7MG C8     C N N 171 
7MG N7     N N N 172 
7MG C5     C N N 173 
7MG C6     C N N 174 
7MG O6     O N N 175 
7MG N1     N N N 176 
7MG C2     C N N 177 
7MG N2     N N N 178 
7MG N3     N N N 179 
7MG C4     C N N 180 
7MG CM7    C N N 181 
7MG HOP2   H N N 182 
7MG HOP3   H N N 183 
7MG "H5'"  H N N 184 
7MG "H5''" H N N 185 
7MG "H4'"  H N N 186 
7MG "H3'"  H N N 187 
7MG "HO3'" H N N 188 
7MG "H2'"  H N N 189 
7MG "HO2'" H N N 190 
7MG "H1'"  H N N 191 
7MG H81    H N N 192 
7MG H82    H N N 193 
7MG HN1    H N N 194 
7MG HN21   H N N 195 
7MG HN22   H N N 196 
7MG HM71   H N N 197 
7MG HM72   H N N 198 
7MG HM73   H N N 199 
A   OP3    O N N 200 
A   P      P N N 201 
A   OP1    O N N 202 
A   OP2    O N N 203 
A   "O5'"  O N N 204 
A   "C5'"  C N N 205 
A   "C4'"  C N R 206 
A   "O4'"  O N N 207 
A   "C3'"  C N S 208 
A   "O3'"  O N N 209 
A   "C2'"  C N R 210 
A   "O2'"  O N N 211 
A   "C1'"  C N R 212 
A   N9     N Y N 213 
A   C8     C Y N 214 
A   N7     N Y N 215 
A   C5     C Y N 216 
A   C6     C Y N 217 
A   N6     N N N 218 
A   N1     N Y N 219 
A   C2     C Y N 220 
A   N3     N Y N 221 
A   C4     C Y N 222 
A   HOP3   H N N 223 
A   HOP2   H N N 224 
A   "H5'"  H N N 225 
A   "H5''" H N N 226 
A   "H4'"  H N N 227 
A   "H3'"  H N N 228 
A   "HO3'" H N N 229 
A   "H2'"  H N N 230 
A   "HO2'" H N N 231 
A   "H1'"  H N N 232 
A   H8     H N N 233 
A   H61    H N N 234 
A   H62    H N N 235 
A   H2     H N N 236 
C   OP3    O N N 237 
C   P      P N N 238 
C   OP1    O N N 239 
C   OP2    O N N 240 
C   "O5'"  O N N 241 
C   "C5'"  C N N 242 
C   "C4'"  C N R 243 
C   "O4'"  O N N 244 
C   "C3'"  C N S 245 
C   "O3'"  O N N 246 
C   "C2'"  C N R 247 
C   "O2'"  O N N 248 
C   "C1'"  C N R 249 
C   N1     N N N 250 
C   C2     C N N 251 
C   O2     O N N 252 
C   N3     N N N 253 
C   C4     C N N 254 
C   N4     N N N 255 
C   C5     C N N 256 
C   C6     C N N 257 
C   HOP3   H N N 258 
C   HOP2   H N N 259 
C   "H5'"  H N N 260 
C   "H5''" H N N 261 
C   "H4'"  H N N 262 
C   "H3'"  H N N 263 
C   "HO3'" H N N 264 
C   "H2'"  H N N 265 
C   "HO2'" H N N 266 
C   "H1'"  H N N 267 
C   H41    H N N 268 
C   H42    H N N 269 
C   H5     H N N 270 
C   H6     H N N 271 
G   OP3    O N N 272 
G   P      P N N 273 
G   OP1    O N N 274 
G   OP2    O N N 275 
G   "O5'"  O N N 276 
G   "C5'"  C N N 277 
G   "C4'"  C N R 278 
G   "O4'"  O N N 279 
G   "C3'"  C N S 280 
G   "O3'"  O N N 281 
G   "C2'"  C N R 282 
G   "O2'"  O N N 283 
G   "C1'"  C N R 284 
G   N9     N Y N 285 
G   C8     C Y N 286 
G   N7     N Y N 287 
G   C5     C Y N 288 
G   C6     C N N 289 
G   O6     O N N 290 
G   N1     N N N 291 
G   C2     C N N 292 
G   N2     N N N 293 
G   N3     N N N 294 
G   C4     C Y N 295 
G   HOP3   H N N 296 
G   HOP2   H N N 297 
G   "H5'"  H N N 298 
G   "H5''" H N N 299 
G   "H4'"  H N N 300 
G   "H3'"  H N N 301 
G   "HO3'" H N N 302 
G   "H2'"  H N N 303 
G   "HO2'" H N N 304 
G   "H1'"  H N N 305 
G   H8     H N N 306 
G   H1     H N N 307 
G   H21    H N N 308 
G   H22    H N N 309 
H2U P      P N N 310 
H2U OP1    O N N 311 
H2U OP2    O N N 312 
H2U OP3    O N N 313 
H2U "O5'"  O N N 314 
H2U "C5'"  C N N 315 
H2U "C4'"  C N R 316 
H2U "O4'"  O N N 317 
H2U "C3'"  C N S 318 
H2U "O3'"  O N N 319 
H2U "C1'"  C N R 320 
H2U "C2'"  C N R 321 
H2U "O2'"  O N N 322 
H2U N1     N N N 323 
H2U C2     C N N 324 
H2U O2     O N N 325 
H2U N3     N N N 326 
H2U C4     C N N 327 
H2U O4     O N N 328 
H2U C5     C N N 329 
H2U C6     C N N 330 
H2U HOP2   H N N 331 
H2U HOP3   H N N 332 
H2U "H5'"  H N N 333 
H2U "H5''" H N N 334 
H2U "H4'"  H N N 335 
H2U "H3'"  H N N 336 
H2U "HO3'" H N N 337 
H2U "H1'"  H N N 338 
H2U "H2'"  H N N 339 
H2U "HO2'" H N N 340 
H2U HN3    H N N 341 
H2U H51    H N N 342 
H2U H52    H N N 343 
H2U H61    H N N 344 
H2U H62    H N N 345 
M2G P      P N N 346 
M2G OP1    O N N 347 
M2G OP2    O N N 348 
M2G OP3    O N N 349 
M2G "O5'"  O N N 350 
M2G "C5'"  C N N 351 
M2G "C4'"  C N R 352 
M2G "O4'"  O N N 353 
M2G "C3'"  C N S 354 
M2G "O3'"  O N N 355 
M2G "C2'"  C N R 356 
M2G "O2'"  O N N 357 
M2G "C1'"  C N R 358 
M2G N9     N Y N 359 
M2G C8     C Y N 360 
M2G N7     N Y N 361 
M2G C5     C Y N 362 
M2G C6     C N N 363 
M2G O6     O N N 364 
M2G N1     N N N 365 
M2G C2     C N N 366 
M2G N2     N N N 367 
M2G N3     N N N 368 
M2G C4     C Y N 369 
M2G CM1    C N N 370 
M2G CM2    C N N 371 
M2G HOP2   H N N 372 
M2G HOP3   H N N 373 
M2G "H5'"  H N N 374 
M2G "H5''" H N N 375 
M2G "H4'"  H N N 376 
M2G "H3'"  H N N 377 
M2G "HO3'" H N N 378 
M2G "H2'"  H N N 379 
M2G "HO2'" H N N 380 
M2G "H1'"  H N N 381 
M2G H8     H N N 382 
M2G HN1    H N N 383 
M2G HM11   H N N 384 
M2G HM12   H N N 385 
M2G HM13   H N N 386 
M2G HM21   H N N 387 
M2G HM22   H N N 388 
M2G HM23   H N N 389 
OMC N1     N N N 390 
OMC C2     C N N 391 
OMC N3     N N N 392 
OMC C4     C N N 393 
OMC C5     C N N 394 
OMC C6     C N N 395 
OMC O2     O N N 396 
OMC N4     N N N 397 
OMC "C1'"  C N R 398 
OMC "C2'"  C N R 399 
OMC "O2'"  O N N 400 
OMC CM2    C N N 401 
OMC "C3'"  C N R 402 
OMC "C4'"  C N R 403 
OMC "O4'"  O N N 404 
OMC "O3'"  O N N 405 
OMC "C5'"  C N N 406 
OMC "O5'"  O N N 407 
OMC P      P N N 408 
OMC OP1    O N N 409 
OMC OP2    O N N 410 
OMC OP3    O N N 411 
OMC H5     H N N 412 
OMC H6     H N N 413 
OMC HN41   H N N 414 
OMC HN42   H N N 415 
OMC "H1'"  H N N 416 
OMC "H2'"  H N N 417 
OMC HM21   H N N 418 
OMC HM22   H N N 419 
OMC HM23   H N N 420 
OMC "H3'"  H N N 421 
OMC "H4'"  H N N 422 
OMC "HO3'" H N N 423 
OMC "H5'"  H N N 424 
OMC "H5''" H N N 425 
OMC HOP2   H N N 426 
OMC HOP3   H N N 427 
OMG P      P N N 428 
OMG OP1    O N N 429 
OMG OP2    O N N 430 
OMG OP3    O N N 431 
OMG "O5'"  O N N 432 
OMG "C5'"  C N N 433 
OMG "C4'"  C N R 434 
OMG "O4'"  O N N 435 
OMG "C3'"  C N R 436 
OMG "O3'"  O N N 437 
OMG "C2'"  C N R 438 
OMG "O2'"  O N N 439 
OMG CM2    C N N 440 
OMG "C1'"  C N R 441 
OMG N9     N Y N 442 
OMG C8     C Y N 443 
OMG N7     N Y N 444 
OMG C5     C Y N 445 
OMG C6     C N N 446 
OMG O6     O N N 447 
OMG N1     N N N 448 
OMG C2     C N N 449 
OMG N2     N N N 450 
OMG N3     N N N 451 
OMG C4     C Y N 452 
OMG HOP2   H N N 453 
OMG HOP3   H N N 454 
OMG "H5'"  H N N 455 
OMG "H5''" H N N 456 
OMG "H4'"  H N N 457 
OMG "H3'"  H N N 458 
OMG "HO3'" H N N 459 
OMG "H2'"  H N N 460 
OMG HM21   H N N 461 
OMG HM22   H N N 462 
OMG HM23   H N N 463 
OMG "H1'"  H N N 464 
OMG H8     H N N 465 
OMG HN1    H N N 466 
OMG HN21   H N N 467 
OMG HN22   H N N 468 
PSU N1     N N N 469 
PSU C2     C N N 470 
PSU N3     N N N 471 
PSU C4     C N N 472 
PSU C5     C N N 473 
PSU C6     C N N 474 
PSU O2     O N N 475 
PSU O4     O N N 476 
PSU "C1'"  C N S 477 
PSU "C2'"  C N R 478 
PSU "O2'"  O N N 479 
PSU "C3'"  C N S 480 
PSU "C4'"  C N R 481 
PSU "O3'"  O N N 482 
PSU "O4'"  O N N 483 
PSU "C5'"  C N N 484 
PSU "O5'"  O N N 485 
PSU P      P N N 486 
PSU OP1    O N N 487 
PSU OP2    O N N 488 
PSU OP3    O N N 489 
PSU HN1    H N N 490 
PSU HN3    H N N 491 
PSU H6     H N N 492 
PSU "H1'"  H N N 493 
PSU "H2'"  H N N 494 
PSU "HO2'" H N N 495 
PSU "H3'"  H N N 496 
PSU "H4'"  H N N 497 
PSU "HO3'" H N N 498 
PSU "H5'"  H N N 499 
PSU "H5''" H N N 500 
PSU HOP2   H N N 501 
PSU HOP3   H N N 502 
U   OP3    O N N 503 
U   P      P N N 504 
U   OP1    O N N 505 
U   OP2    O N N 506 
U   "O5'"  O N N 507 
U   "C5'"  C N N 508 
U   "C4'"  C N R 509 
U   "O4'"  O N N 510 
U   "C3'"  C N S 511 
U   "O3'"  O N N 512 
U   "C2'"  C N R 513 
U   "O2'"  O N N 514 
U   "C1'"  C N R 515 
U   N1     N N N 516 
U   C2     C N N 517 
U   O2     O N N 518 
U   N3     N N N 519 
U   C4     C N N 520 
U   O4     O N N 521 
U   C5     C N N 522 
U   C6     C N N 523 
U   HOP3   H N N 524 
U   HOP2   H N N 525 
U   "H5'"  H N N 526 
U   "H5''" H N N 527 
U   "H4'"  H N N 528 
U   "H3'"  H N N 529 
U   "HO3'" H N N 530 
U   "H2'"  H N N 531 
U   "HO2'" H N N 532 
U   "H1'"  H N N 533 
U   H3     H N N 534 
U   H5     H N N 535 
U   H6     H N N 536 
YYG P      P N N 537 
YYG OP1    O N N 538 
YYG OP2    O N N 539 
YYG OP3    O N N 540 
YYG "O5'"  O N N 541 
YYG "C5'"  C N N 542 
YYG "C4'"  C N R 543 
YYG "O4'"  O N N 544 
YYG "C3'"  C N S 545 
YYG "O3'"  O N N 546 
YYG "C2'"  C N R 547 
YYG "O2'"  O N N 548 
YYG "C1'"  C N R 549 
YYG N9     N Y N 550 
YYG C8     C Y N 551 
YYG N7     N Y N 552 
YYG C5     C Y N 553 
YYG C6     C N N 554 
YYG O6     O N N 555 
YYG N1     N Y N 556 
YYG C2     C Y N 557 
YYG N2     N Y N 558 
YYG N3     N N N 559 
YYG C3     C N N 560 
YYG C4     C Y N 561 
YYG C10    C N N 562 
YYG C11    C Y N 563 
YYG C12    C Y N 564 
YYG C13    C N N 565 
YYG C14    C N N 566 
YYG C15    C N S 567 
YYG C16    C N N 568 
YYG O17    O N N 569 
YYG O18    O N N 570 
YYG C19    C N N 571 
YYG N20    N N N 572 
YYG C21    C N N 573 
YYG O22    O N N 574 
YYG O23    O N N 575 
YYG C24    C N N 576 
YYG HOP2   H N N 577 
YYG HOP3   H N N 578 
YYG "H5'"  H N N 579 
YYG "H5''" H N N 580 
YYG "H4'"  H N N 581 
YYG "H3'"  H N N 582 
YYG "HO3'" H N N 583 
YYG "H2'"  H N N 584 
YYG "HO2'" H N N 585 
YYG "H1'"  H N N 586 
YYG H8     H N N 587 
YYG H31    H N N 588 
YYG H32    H N N 589 
YYG H33    H N N 590 
YYG H101   H N N 591 
YYG H102   H N N 592 
YYG H103   H N N 593 
YYG H131   H N N 594 
YYG H132   H N N 595 
YYG H141   H N N 596 
YYG H142   H N N 597 
YYG H15    H N N 598 
YYG H191   H N N 599 
YYG H192   H N N 600 
YYG H193   H N N 601 
YYG HN20   H N N 602 
YYG H241   H N N 603 
YYG H242   H N N 604 
YYG H243   H N N 605 
# 
loop_
_chem_comp_bond.comp_id 
_chem_comp_bond.atom_id_1 
_chem_comp_bond.atom_id_2 
_chem_comp_bond.value_order 
_chem_comp_bond.pdbx_aromatic_flag 
_chem_comp_bond.pdbx_stereo_config 
_chem_comp_bond.pdbx_ordinal 
1MA P     OP1    doub N N 1   
1MA P     OP2    sing N N 2   
1MA P     OP3    sing N N 3   
1MA P     "O5'"  sing N N 4   
1MA OP2   HOP2   sing N N 5   
1MA OP3   HOP3   sing N N 6   
1MA "O5'" "C5'"  sing N N 7   
1MA "C5'" "C4'"  sing N N 8   
1MA "C5'" "H5'"  sing N N 9   
1MA "C5'" "H5''" sing N N 10  
1MA "C4'" "O4'"  sing N N 11  
1MA "C4'" "C3'"  sing N N 12  
1MA "C4'" "H4'"  sing N N 13  
1MA "O4'" "C1'"  sing N N 14  
1MA "C3'" "O3'"  sing N N 15  
1MA "C3'" "C2'"  sing N N 16  
1MA "C3'" "H3'"  sing N N 17  
1MA "O3'" "HO3'" sing N N 18  
1MA "C2'" "O2'"  sing N N 19  
1MA "C2'" "C1'"  sing N N 20  
1MA "C2'" "H2'"  sing N N 21  
1MA "O2'" "HO2'" sing N N 22  
1MA "C1'" N9     sing N N 23  
1MA "C1'" "H1'"  sing N N 24  
1MA N9    C8     sing Y N 25  
1MA N9    C4     sing Y N 26  
1MA C8    N7     doub Y N 27  
1MA C8    H8     sing N N 28  
1MA N7    C5     sing Y N 29  
1MA C5    C6     sing N N 30  
1MA C5    C4     doub Y N 31  
1MA C6    N6     doub N N 32  
1MA C6    N1     sing N N 33  
1MA N6    HN61   sing N N 34  
1MA N1    CM1    sing N N 35  
1MA N1    C2     sing N N 36  
1MA CM1   HM11   sing N N 37  
1MA CM1   HM12   sing N N 38  
1MA CM1   HM13   sing N N 39  
1MA C2    N3     doub N N 40  
1MA C2    H2     sing N N 41  
1MA N3    C4     sing N N 42  
2MG P     OP1    doub N N 43  
2MG P     OP2    sing N N 44  
2MG P     OP3    sing N N 45  
2MG P     "O5'"  sing N N 46  
2MG OP2   HOP2   sing N N 47  
2MG OP3   HOP3   sing N N 48  
2MG "O5'" "C5'"  sing N N 49  
2MG "C5'" "C4'"  sing N N 50  
2MG "C5'" "H5'"  sing N N 51  
2MG "C5'" "H5''" sing N N 52  
2MG "C4'" "O4'"  sing N N 53  
2MG "C4'" "C3'"  sing N N 54  
2MG "C4'" "H4'"  sing N N 55  
2MG "O4'" "C1'"  sing N N 56  
2MG "C3'" "O3'"  sing N N 57  
2MG "C3'" "C2'"  sing N N 58  
2MG "C3'" "H3'"  sing N N 59  
2MG "O3'" "HO3'" sing N N 60  
2MG "C2'" "O2'"  sing N N 61  
2MG "C2'" "C1'"  sing N N 62  
2MG "C2'" "H2'"  sing N N 63  
2MG "O2'" "HO2'" sing N N 64  
2MG "C1'" N9     sing N N 65  
2MG "C1'" "H1'"  sing N N 66  
2MG N9    C8     sing Y N 67  
2MG N9    C4     sing Y N 68  
2MG C8    N7     doub Y N 69  
2MG C8    H8     sing N N 70  
2MG N7    C5     sing Y N 71  
2MG C5    C6     sing N N 72  
2MG C5    C4     doub Y N 73  
2MG C6    O6     doub N N 74  
2MG C6    N1     sing N N 75  
2MG N1    C2     sing N N 76  
2MG N1    HN1    sing N N 77  
2MG C2    N2     sing N N 78  
2MG C2    N3     doub N N 79  
2MG N2    CM2    sing N N 80  
2MG N2    HN2    sing N N 81  
2MG CM2   HM21   sing N N 82  
2MG CM2   HM22   sing N N 83  
2MG CM2   HM23   sing N N 84  
2MG N3    C4     sing N N 85  
5MC P     OP1    doub N N 86  
5MC P     OP2    sing N N 87  
5MC P     OP3    sing N N 88  
5MC P     "O5'"  sing N N 89  
5MC OP2   HOP2   sing N N 90  
5MC OP3   HOP3   sing N N 91  
5MC "O5'" "C5'"  sing N N 92  
5MC "C5'" "C4'"  sing N N 93  
5MC "C5'" "H5'"  sing N N 94  
5MC "C5'" "H5''" sing N N 95  
5MC "C4'" "O4'"  sing N N 96  
5MC "C4'" "C3'"  sing N N 97  
5MC "C4'" "H4'"  sing N N 98  
5MC "O4'" "C1'"  sing N N 99  
5MC "C3'" "O3'"  sing N N 100 
5MC "C3'" "C2'"  sing N N 101 
5MC "C3'" "H3'"  sing N N 102 
5MC "O3'" "HO3'" sing N N 103 
5MC "C2'" "O2'"  sing N N 104 
5MC "C2'" "C1'"  sing N N 105 
5MC "C2'" "H2'"  sing N N 106 
5MC "O2'" "HO2'" sing N N 107 
5MC "C1'" N1     sing N N 108 
5MC "C1'" "H1'"  sing N N 109 
5MC N1    C2     sing N N 110 
5MC N1    C6     sing N N 111 
5MC C2    O2     doub N N 112 
5MC C2    N3     sing N N 113 
5MC N3    C4     doub N N 114 
5MC C4    N4     sing N N 115 
5MC C4    C5     sing N N 116 
5MC N4    HN41   sing N N 117 
5MC N4    HN42   sing N N 118 
5MC C5    C6     doub N N 119 
5MC C5    CM5    sing N N 120 
5MC C6    H6     sing N N 121 
5MC CM5   HM51   sing N N 122 
5MC CM5   HM52   sing N N 123 
5MC CM5   HM53   sing N N 124 
5MU N1    C2     sing N N 125 
5MU N1    C6     sing N N 126 
5MU N1    "C1'"  sing N N 127 
5MU C2    N3     sing N N 128 
5MU C2    O2     doub N N 129 
5MU N3    C4     sing N N 130 
5MU N3    HN3    sing N N 131 
5MU C4    C5     sing N N 132 
5MU C4    O4     doub N N 133 
5MU C5    C5M    sing N N 134 
5MU C5    C6     doub N N 135 
5MU C5M   H71    sing N N 136 
5MU C5M   H72    sing N N 137 
5MU C5M   H73    sing N N 138 
5MU C6    H6     sing N N 139 
5MU "C1'" "C2'"  sing N N 140 
5MU "C1'" "O4'"  sing N N 141 
5MU "C1'" "H1'"  sing N N 142 
5MU "C2'" "O2'"  sing N N 143 
5MU "C2'" "C3'"  sing N N 144 
5MU "C2'" "H2'"  sing N N 145 
5MU "O2'" "HO2'" sing N N 146 
5MU "C3'" "C4'"  sing N N 147 
5MU "C3'" "O3'"  sing N N 148 
5MU "C3'" "H3'"  sing N N 149 
5MU "C4'" "O4'"  sing N N 150 
5MU "C4'" "C5'"  sing N N 151 
5MU "C4'" "H4'"  sing N N 152 
5MU "O3'" "HO3'" sing N N 153 
5MU "C5'" "O5'"  sing N N 154 
5MU "C5'" "H5'"  sing N N 155 
5MU "C5'" "H5''" sing N N 156 
5MU "O5'" P      sing N N 157 
5MU P     OP1    doub N N 158 
5MU P     OP2    sing N N 159 
5MU P     OP3    sing N N 160 
5MU OP2   HOP2   sing N N 161 
5MU OP3   HOP3   sing N N 162 
7MG P     OP1    doub N N 163 
7MG P     OP2    sing N N 164 
7MG P     OP3    sing N N 165 
7MG P     "O5'"  sing N N 166 
7MG OP2   HOP2   sing N N 167 
7MG OP3   HOP3   sing N N 168 
7MG "O5'" "C5'"  sing N N 169 
7MG "C5'" "C4'"  sing N N 170 
7MG "C5'" "H5'"  sing N N 171 
7MG "C5'" "H5''" sing N N 172 
7MG "C4'" "O4'"  sing N N 173 
7MG "C4'" "C3'"  sing N N 174 
7MG "C4'" "H4'"  sing N N 175 
7MG "O4'" "C1'"  sing N N 176 
7MG "C3'" "O3'"  sing N N 177 
7MG "C3'" "C2'"  sing N N 178 
7MG "C3'" "H3'"  sing N N 179 
7MG "O3'" "HO3'" sing N N 180 
7MG "C2'" "O2'"  sing N N 181 
7MG "C2'" "C1'"  sing N N 182 
7MG "C2'" "H2'"  sing N N 183 
7MG "O2'" "HO2'" sing N N 184 
7MG "C1'" N9     sing N N 185 
7MG "C1'" "H1'"  sing N N 186 
7MG N9    C8     sing N N 187 
7MG N9    C4     sing N N 188 
7MG C8    N7     sing N N 189 
7MG C8    H81    sing N N 190 
7MG C8    H82    sing N N 191 
7MG N7    C5     sing N N 192 
7MG N7    CM7    sing N N 193 
7MG C5    C6     sing N N 194 
7MG C5    C4     doub N N 195 
7MG C6    O6     doub N N 196 
7MG C6    N1     sing N N 197 
7MG N1    C2     sing N N 198 
7MG N1    HN1    sing N N 199 
7MG C2    N2     sing N N 200 
7MG C2    N3     doub N N 201 
7MG N2    HN21   sing N N 202 
7MG N2    HN22   sing N N 203 
7MG N3    C4     sing N N 204 
7MG CM7   HM71   sing N N 205 
7MG CM7   HM72   sing N N 206 
7MG CM7   HM73   sing N N 207 
A   OP3   P      sing N N 208 
A   OP3   HOP3   sing N N 209 
A   P     OP1    doub N N 210 
A   P     OP2    sing N N 211 
A   P     "O5'"  sing N N 212 
A   OP2   HOP2   sing N N 213 
A   "O5'" "C5'"  sing N N 214 
A   "C5'" "C4'"  sing N N 215 
A   "C5'" "H5'"  sing N N 216 
A   "C5'" "H5''" sing N N 217 
A   "C4'" "O4'"  sing N N 218 
A   "C4'" "C3'"  sing N N 219 
A   "C4'" "H4'"  sing N N 220 
A   "O4'" "C1'"  sing N N 221 
A   "C3'" "O3'"  sing N N 222 
A   "C3'" "C2'"  sing N N 223 
A   "C3'" "H3'"  sing N N 224 
A   "O3'" "HO3'" sing N N 225 
A   "C2'" "O2'"  sing N N 226 
A   "C2'" "C1'"  sing N N 227 
A   "C2'" "H2'"  sing N N 228 
A   "O2'" "HO2'" sing N N 229 
A   "C1'" N9     sing N N 230 
A   "C1'" "H1'"  sing N N 231 
A   N9    C8     sing Y N 232 
A   N9    C4     sing Y N 233 
A   C8    N7     doub Y N 234 
A   C8    H8     sing N N 235 
A   N7    C5     sing Y N 236 
A   C5    C6     sing Y N 237 
A   C5    C4     doub Y N 238 
A   C6    N6     sing N N 239 
A   C6    N1     doub Y N 240 
A   N6    H61    sing N N 241 
A   N6    H62    sing N N 242 
A   N1    C2     sing Y N 243 
A   C2    N3     doub Y N 244 
A   C2    H2     sing N N 245 
A   N3    C4     sing Y N 246 
C   OP3   P      sing N N 247 
C   OP3   HOP3   sing N N 248 
C   P     OP1    doub N N 249 
C   P     OP2    sing N N 250 
C   P     "O5'"  sing N N 251 
C   OP2   HOP2   sing N N 252 
C   "O5'" "C5'"  sing N N 253 
C   "C5'" "C4'"  sing N N 254 
C   "C5'" "H5'"  sing N N 255 
C   "C5'" "H5''" sing N N 256 
C   "C4'" "O4'"  sing N N 257 
C   "C4'" "C3'"  sing N N 258 
C   "C4'" "H4'"  sing N N 259 
C   "O4'" "C1'"  sing N N 260 
C   "C3'" "O3'"  sing N N 261 
C   "C3'" "C2'"  sing N N 262 
C   "C3'" "H3'"  sing N N 263 
C   "O3'" "HO3'" sing N N 264 
C   "C2'" "O2'"  sing N N 265 
C   "C2'" "C1'"  sing N N 266 
C   "C2'" "H2'"  sing N N 267 
C   "O2'" "HO2'" sing N N 268 
C   "C1'" N1     sing N N 269 
C   "C1'" "H1'"  sing N N 270 
C   N1    C2     sing N N 271 
C   N1    C6     sing N N 272 
C   C2    O2     doub N N 273 
C   C2    N3     sing N N 274 
C   N3    C4     doub N N 275 
C   C4    N4     sing N N 276 
C   C4    C5     sing N N 277 
C   N4    H41    sing N N 278 
C   N4    H42    sing N N 279 
C   C5    C6     doub N N 280 
C   C5    H5     sing N N 281 
C   C6    H6     sing N N 282 
G   OP3   P      sing N N 283 
G   OP3   HOP3   sing N N 284 
G   P     OP1    doub N N 285 
G   P     OP2    sing N N 286 
G   P     "O5'"  sing N N 287 
G   OP2   HOP2   sing N N 288 
G   "O5'" "C5'"  sing N N 289 
G   "C5'" "C4'"  sing N N 290 
G   "C5'" "H5'"  sing N N 291 
G   "C5'" "H5''" sing N N 292 
G   "C4'" "O4'"  sing N N 293 
G   "C4'" "C3'"  sing N N 294 
G   "C4'" "H4'"  sing N N 295 
G   "O4'" "C1'"  sing N N 296 
G   "C3'" "O3'"  sing N N 297 
G   "C3'" "C2'"  sing N N 298 
G   "C3'" "H3'"  sing N N 299 
G   "O3'" "HO3'" sing N N 300 
G   "C2'" "O2'"  sing N N 301 
G   "C2'" "C1'"  sing N N 302 
G   "C2'" "H2'"  sing N N 303 
G   "O2'" "HO2'" sing N N 304 
G   "C1'" N9     sing N N 305 
G   "C1'" "H1'"  sing N N 306 
G   N9    C8     sing Y N 307 
G   N9    C4     sing Y N 308 
G   C8    N7     doub Y N 309 
G   C8    H8     sing N N 310 
G   N7    C5     sing Y N 311 
G   C5    C6     sing N N 312 
G   C5    C4     doub Y N 313 
G   C6    O6     doub N N 314 
G   C6    N1     sing N N 315 
G   N1    C2     sing N N 316 
G   N1    H1     sing N N 317 
G   C2    N2     sing N N 318 
G   C2    N3     doub N N 319 
G   N2    H21    sing N N 320 
G   N2    H22    sing N N 321 
G   N3    C4     sing N N 322 
H2U P     OP1    doub N N 323 
H2U P     OP2    sing N N 324 
H2U P     OP3    sing N N 325 
H2U P     "O5'"  sing N N 326 
H2U OP2   HOP2   sing N N 327 
H2U OP3   HOP3   sing N N 328 
H2U "O5'" "C5'"  sing N N 329 
H2U "C5'" "C4'"  sing N N 330 
H2U "C5'" "H5'"  sing N N 331 
H2U "C5'" "H5''" sing N N 332 
H2U "C4'" "O4'"  sing N N 333 
H2U "C4'" "C3'"  sing N N 334 
H2U "C4'" "H4'"  sing N N 335 
H2U "O4'" "C1'"  sing N N 336 
H2U "C3'" "O3'"  sing N N 337 
H2U "C3'" "C2'"  sing N N 338 
H2U "C3'" "H3'"  sing N N 339 
H2U "O3'" "HO3'" sing N N 340 
H2U "C1'" "C2'"  sing N N 341 
H2U "C1'" N1     sing N N 342 
H2U "C1'" "H1'"  sing N N 343 
H2U "C2'" "O2'"  sing N N 344 
H2U "C2'" "H2'"  sing N N 345 
H2U "O2'" "HO2'" sing N N 346 
H2U N1    C2     sing N N 347 
H2U N1    C6     sing N N 348 
H2U C2    O2     doub N N 349 
H2U C2    N3     sing N N 350 
H2U N3    C4     sing N N 351 
H2U N3    HN3    sing N N 352 
H2U C4    O4     doub N N 353 
H2U C4    C5     sing N N 354 
H2U C5    C6     sing N N 355 
H2U C5    H51    sing N N 356 
H2U C5    H52    sing N N 357 
H2U C6    H61    sing N N 358 
H2U C6    H62    sing N N 359 
M2G P     OP1    doub N N 360 
M2G P     OP2    sing N N 361 
M2G P     OP3    sing N N 362 
M2G P     "O5'"  sing N N 363 
M2G OP2   HOP2   sing N N 364 
M2G OP3   HOP3   sing N N 365 
M2G "O5'" "C5'"  sing N N 366 
M2G "C5'" "C4'"  sing N N 367 
M2G "C5'" "H5'"  sing N N 368 
M2G "C5'" "H5''" sing N N 369 
M2G "C4'" "O4'"  sing N N 370 
M2G "C4'" "C3'"  sing N N 371 
M2G "C4'" "H4'"  sing N N 372 
M2G "O4'" "C1'"  sing N N 373 
M2G "C3'" "O3'"  sing N N 374 
M2G "C3'" "C2'"  sing N N 375 
M2G "C3'" "H3'"  sing N N 376 
M2G "O3'" "HO3'" sing N N 377 
M2G "C2'" "O2'"  sing N N 378 
M2G "C2'" "C1'"  sing N N 379 
M2G "C2'" "H2'"  sing N N 380 
M2G "O2'" "HO2'" sing N N 381 
M2G "C1'" N9     sing N N 382 
M2G "C1'" "H1'"  sing N N 383 
M2G N9    C8     sing Y N 384 
M2G N9    C4     sing Y N 385 
M2G C8    N7     doub Y N 386 
M2G C8    H8     sing N N 387 
M2G N7    C5     sing Y N 388 
M2G C5    C6     sing N N 389 
M2G C5    C4     doub Y N 390 
M2G C6    O6     doub N N 391 
M2G C6    N1     sing N N 392 
M2G N1    C2     sing N N 393 
M2G N1    HN1    sing N N 394 
M2G C2    N2     sing N N 395 
M2G C2    N3     doub N N 396 
M2G N2    CM1    sing N N 397 
M2G N2    CM2    sing N N 398 
M2G N3    C4     sing N N 399 
M2G CM1   HM11   sing N N 400 
M2G CM1   HM12   sing N N 401 
M2G CM1   HM13   sing N N 402 
M2G CM2   HM21   sing N N 403 
M2G CM2   HM22   sing N N 404 
M2G CM2   HM23   sing N N 405 
OMC N1    C2     sing N N 406 
OMC N1    C6     sing N N 407 
OMC N1    "C1'"  sing N N 408 
OMC C2    N3     sing N N 409 
OMC C2    O2     doub N N 410 
OMC N3    C4     doub N N 411 
OMC C4    C5     sing N N 412 
OMC C4    N4     sing N N 413 
OMC C5    C6     doub N N 414 
OMC C5    H5     sing N N 415 
OMC C6    H6     sing N N 416 
OMC N4    HN41   sing N N 417 
OMC N4    HN42   sing N N 418 
OMC "C1'" "C2'"  sing N N 419 
OMC "C1'" "O4'"  sing N N 420 
OMC "C1'" "H1'"  sing N N 421 
OMC "C2'" "O2'"  sing N N 422 
OMC "C2'" "C3'"  sing N N 423 
OMC "C2'" "H2'"  sing N N 424 
OMC "O2'" CM2    sing N N 425 
OMC CM2   HM21   sing N N 426 
OMC CM2   HM22   sing N N 427 
OMC CM2   HM23   sing N N 428 
OMC "C3'" "C4'"  sing N N 429 
OMC "C3'" "O3'"  sing N N 430 
OMC "C3'" "H3'"  sing N N 431 
OMC "C4'" "O4'"  sing N N 432 
OMC "C4'" "C5'"  sing N N 433 
OMC "C4'" "H4'"  sing N N 434 
OMC "O3'" "HO3'" sing N N 435 
OMC "C5'" "O5'"  sing N N 436 
OMC "C5'" "H5'"  sing N N 437 
OMC "C5'" "H5''" sing N N 438 
OMC "O5'" P      sing N N 439 
OMC P     OP1    doub N N 440 
OMC P     OP2    sing N N 441 
OMC P     OP3    sing N N 442 
OMC OP2   HOP2   sing N N 443 
OMC OP3   HOP3   sing N N 444 
OMG P     OP1    doub N N 445 
OMG P     OP2    sing N N 446 
OMG P     OP3    sing N N 447 
OMG P     "O5'"  sing N N 448 
OMG OP2   HOP2   sing N N 449 
OMG OP3   HOP3   sing N N 450 
OMG "O5'" "C5'"  sing N N 451 
OMG "C5'" "C4'"  sing N N 452 
OMG "C5'" "H5'"  sing N N 453 
OMG "C5'" "H5''" sing N N 454 
OMG "C4'" "O4'"  sing N N 455 
OMG "C4'" "C3'"  sing N N 456 
OMG "C4'" "H4'"  sing N N 457 
OMG "O4'" "C1'"  sing N N 458 
OMG "C3'" "O3'"  sing N N 459 
OMG "C3'" "C2'"  sing N N 460 
OMG "C3'" "H3'"  sing N N 461 
OMG "O3'" "HO3'" sing N N 462 
OMG "C2'" "O2'"  sing N N 463 
OMG "C2'" "C1'"  sing N N 464 
OMG "C2'" "H2'"  sing N N 465 
OMG "O2'" CM2    sing N N 466 
OMG CM2   HM21   sing N N 467 
OMG CM2   HM22   sing N N 468 
OMG CM2   HM23   sing N N 469 
OMG "C1'" N9     sing N N 470 
OMG "C1'" "H1'"  sing N N 471 
OMG N9    C8     sing Y N 472 
OMG N9    C4     sing Y N 473 
OMG C8    N7     doub Y N 474 
OMG C8    H8     sing N N 475 
OMG N7    C5     sing Y N 476 
OMG C5    C6     sing N N 477 
OMG C5    C4     doub Y N 478 
OMG C6    O6     doub N N 479 
OMG C6    N1     sing N N 480 
OMG N1    C2     sing N N 481 
OMG N1    HN1    sing N N 482 
OMG C2    N2     sing N N 483 
OMG C2    N3     doub N N 484 
OMG N2    HN21   sing N N 485 
OMG N2    HN22   sing N N 486 
OMG N3    C4     sing N N 487 
PSU N1    C2     sing N N 488 
PSU N1    C6     sing N N 489 
PSU N1    HN1    sing N N 490 
PSU C2    N3     sing N N 491 
PSU C2    O2     doub N N 492 
PSU N3    C4     sing N N 493 
PSU N3    HN3    sing N N 494 
PSU C4    C5     sing N N 495 
PSU C4    O4     doub N N 496 
PSU C5    C6     doub N N 497 
PSU C5    "C1'"  sing N N 498 
PSU C6    H6     sing N N 499 
PSU "C1'" "C2'"  sing N N 500 
PSU "C1'" "O4'"  sing N N 501 
PSU "C1'" "H1'"  sing N N 502 
PSU "C2'" "O2'"  sing N N 503 
PSU "C2'" "C3'"  sing N N 504 
PSU "C2'" "H2'"  sing N N 505 
PSU "O2'" "HO2'" sing N N 506 
PSU "C3'" "C4'"  sing N N 507 
PSU "C3'" "O3'"  sing N N 508 
PSU "C3'" "H3'"  sing N N 509 
PSU "C4'" "O4'"  sing N N 510 
PSU "C4'" "C5'"  sing N N 511 
PSU "C4'" "H4'"  sing N N 512 
PSU "O3'" "HO3'" sing N N 513 
PSU "C5'" "O5'"  sing N N 514 
PSU "C5'" "H5'"  sing N N 515 
PSU "C5'" "H5''" sing N N 516 
PSU "O5'" P      sing N N 517 
PSU P     OP1    doub N N 518 
PSU P     OP2    sing N N 519 
PSU P     OP3    sing N N 520 
PSU OP2   HOP2   sing N N 521 
PSU OP3   HOP3   sing N N 522 
U   OP3   P      sing N N 523 
U   OP3   HOP3   sing N N 524 
U   P     OP1    doub N N 525 
U   P     OP2    sing N N 526 
U   P     "O5'"  sing N N 527 
U   OP2   HOP2   sing N N 528 
U   "O5'" "C5'"  sing N N 529 
U   "C5'" "C4'"  sing N N 530 
U   "C5'" "H5'"  sing N N 531 
U   "C5'" "H5''" sing N N 532 
U   "C4'" "O4'"  sing N N 533 
U   "C4'" "C3'"  sing N N 534 
U   "C4'" "H4'"  sing N N 535 
U   "O4'" "C1'"  sing N N 536 
U   "C3'" "O3'"  sing N N 537 
U   "C3'" "C2'"  sing N N 538 
U   "C3'" "H3'"  sing N N 539 
U   "O3'" "HO3'" sing N N 540 
U   "C2'" "O2'"  sing N N 541 
U   "C2'" "C1'"  sing N N 542 
U   "C2'" "H2'"  sing N N 543 
U   "O2'" "HO2'" sing N N 544 
U   "C1'" N1     sing N N 545 
U   "C1'" "H1'"  sing N N 546 
U   N1    C2     sing N N 547 
U   N1    C6     sing N N 548 
U   C2    O2     doub N N 549 
U   C2    N3     sing N N 550 
U   N3    C4     sing N N 551 
U   N3    H3     sing N N 552 
U   C4    O4     doub N N 553 
U   C4    C5     sing N N 554 
U   C5    C6     doub N N 555 
U   C5    H5     sing N N 556 
U   C6    H6     sing N N 557 
YYG P     OP1    doub N N 558 
YYG P     OP2    sing N N 559 
YYG P     OP3    sing N N 560 
YYG P     "O5'"  sing N N 561 
YYG OP2   HOP2   sing N N 562 
YYG OP3   HOP3   sing N N 563 
YYG "O5'" "C5'"  sing N N 564 
YYG "C5'" "C4'"  sing N N 565 
YYG "C5'" "H5'"  sing N N 566 
YYG "C5'" "H5''" sing N N 567 
YYG "C4'" "O4'"  sing N N 568 
YYG "C4'" "C3'"  sing N N 569 
YYG "C4'" "H4'"  sing N N 570 
YYG "O4'" "C1'"  sing N N 571 
YYG "C3'" "O3'"  sing N N 572 
YYG "C3'" "C2'"  sing N N 573 
YYG "C3'" "H3'"  sing N N 574 
YYG "O3'" "HO3'" sing N N 575 
YYG "C2'" "O2'"  sing N N 576 
YYG "C2'" "C1'"  sing N N 577 
YYG "C2'" "H2'"  sing N N 578 
YYG "O2'" "HO2'" sing N N 579 
YYG "C1'" N9     sing N N 580 
YYG "C1'" "H1'"  sing N N 581 
YYG N9    C8     sing Y N 582 
YYG N9    C4     sing Y N 583 
YYG C8    N7     doub Y N 584 
YYG C8    H8     sing N N 585 
YYG N7    C5     sing Y N 586 
YYG C5    C6     sing N N 587 
YYG C5    C4     doub Y N 588 
YYG C6    O6     doub N N 589 
YYG C6    N1     sing N N 590 
YYG N1    C2     sing Y N 591 
YYG N1    C12    sing Y N 592 
YYG C2    N2     doub Y N 593 
YYG C2    N3     sing N N 594 
YYG N2    C11    sing Y N 595 
YYG N3    C3     sing N N 596 
YYG N3    C4     sing N N 597 
YYG C3    H31    sing N N 598 
YYG C3    H32    sing N N 599 
YYG C3    H33    sing N N 600 
YYG C10   C11    sing N N 601 
YYG C10   H101   sing N N 602 
YYG C10   H102   sing N N 603 
YYG C10   H103   sing N N 604 
YYG C11   C12    doub Y N 605 
YYG C12   C13    sing N N 606 
YYG C13   C14    sing N N 607 
YYG C13   H131   sing N N 608 
YYG C13   H132   sing N N 609 
YYG C14   C15    sing N N 610 
YYG C14   H141   sing N N 611 
YYG C14   H142   sing N N 612 
YYG C15   C16    sing N N 613 
YYG C15   N20    sing N N 614 
YYG C15   H15    sing N N 615 
YYG C16   O17    doub N N 616 
YYG C16   O18    sing N N 617 
YYG O18   C19    sing N N 618 
YYG C19   H191   sing N N 619 
YYG C19   H192   sing N N 620 
YYG C19   H193   sing N N 621 
YYG N20   C21    sing N N 622 
YYG N20   HN20   sing N N 623 
YYG C21   O22    doub N N 624 
YYG C21   O23    sing N N 625 
YYG O23   C24    sing N N 626 
YYG C24   H241   sing N N 627 
YYG C24   H242   sing N N 628 
YYG C24   H243   sing N N 629 
# 
_em_ctf_correction.id        1 
_em_ctf_correction.details   'CTF correction of each defocus group reconstruction' 
_em_ctf_correction.type      . 
# 
_em_image_processing.id                   1 
_em_image_processing.image_recording_id   1 
_em_image_processing.details              ? 
# 
_em_image_recording.details                       ? 
_em_image_recording.id                            1 
_em_image_recording.avg_electron_dose_per_image   15 
_em_image_recording.film_or_detector_model        'KODAK SO-163 FILM' 
_em_image_recording.imaging_id                    1 
_em_image_recording.detector_mode                 ? 
_em_image_recording.average_exposure_time         ? 
_em_image_recording.num_diffraction_images        ? 
_em_image_recording.num_grids_imaged              ? 
_em_image_recording.num_real_images               ? 
# 
_em_software.id                    1 
_em_software.name                  SPIDER 
_em_software.version               ? 
_em_software.category              RECONSTRUCTION 
_em_software.details               'Fast Motif Search Procedure in SPIDER. Reference: Rath and Frank 2004 JSB 145 page84' 
_em_software.image_processing_id   1 
# 
_em_specimen.experiment_id           1 
_em_specimen.id                      1 
_em_specimen.concentration           32 
_em_specimen.vitrification_applied   YES 
_em_specimen.staining_applied        NO 
_em_specimen.embedding_applied       NO 
_em_specimen.shadowing_applied       NO 
_em_specimen.details                 ? 
# 
_pdbx_coordinate_model.asym_id   A 
_pdbx_coordinate_model.type      'P ATOMS ONLY' 
# 
_pdbx_initial_refinement_model.id               1 
_pdbx_initial_refinement_model.type             'experimental model' 
_pdbx_initial_refinement_model.source_name      PDB 
_pdbx_initial_refinement_model.accession_code   1TTT 
# 
_atom_sites.entry_id                    2Z9Q 
_atom_sites.fract_transf_matrix[1][1]   1.000000 
_atom_sites.fract_transf_matrix[1][2]   0.000000 
_atom_sites.fract_transf_matrix[1][3]   0.000000 
_atom_sites.fract_transf_matrix[2][1]   0.000000 
_atom_sites.fract_transf_matrix[2][2]   1.000000 
_atom_sites.fract_transf_matrix[2][3]   0.000000 
_atom_sites.fract_transf_matrix[3][1]   0.000000 
_atom_sites.fract_transf_matrix[3][2]   0.000000 
_atom_sites.fract_transf_matrix[3][3]   1.000000 
_atom_sites.fract_transf_vector[1]      0.00000 
_atom_sites.fract_transf_vector[2]      0.00000 
_atom_sites.fract_transf_vector[3]      0.00000 
# 
_atom_type.symbol   P 
# 
loop_
_atom_site.group_PDB 
_atom_site.id 
_atom_site.type_symbol 
_atom_site.label_atom_id 
_atom_site.label_alt_id 
_atom_site.label_comp_id 
_atom_site.label_asym_id 
_atom_site.label_entity_id 
_atom_site.label_seq_id 
_atom_site.pdbx_PDB_ins_code 
_atom_site.Cartn_x 
_atom_site.Cartn_y 
_atom_site.Cartn_z 
_atom_site.occupancy 
_atom_site.B_iso_or_equiv 
_atom_site.pdbx_formal_charge 
_atom_site.auth_seq_id 
_atom_site.auth_comp_id 
_atom_site.auth_asym_id 
_atom_site.auth_atom_id 
_atom_site.pdbx_PDB_model_num 
ATOM   1  P P . C   A 1 1  ? -21.031 -24.715 -10.256 1.00 10.00 ? 1  C   A P 1 
ATOM   2  P P . G   A 1 2  ? -19.062 -22.247 -4.736  1.00 10.00 ? 2  G   A P 1 
ATOM   3  P P . G   A 1 3  ? -14.180 -18.751 -0.848  1.00 10.00 ? 3  G   A P 1 
ATOM   4  P P . A   A 1 4  ? -9.499  -16.294 1.786   1.00 10.00 ? 4  A   A P 1 
ATOM   5  P P . U   A 1 5  ? -4.637  -12.617 2.212   1.00 10.00 ? 5  U   A P 1 
ATOM   6  P P . U   A 1 6  ? -2.386  -7.705  0.019   1.00 10.00 ? 6  U   A P 1 
ATOM   7  P P . U   A 1 7  ? 0.361   -3.182  -4.151  1.00 10.00 ? 7  U   A P 1 
ATOM   8  P P . A   A 1 8  ? 2.384   1.724   -2.294  1.00 10.00 ? 8  A   A P 1 
HETATM 9  P P . 2MG A 1 9  ? 4.999   5.903   -5.568  1.00 10.00 ? 9  2MG A P 1 
ATOM   10 P P . C   A 1 10 ? 7.413   0.179   -8.192  1.00 10.00 ? 10 C   A P 1 
ATOM   11 P P . U   A 1 11 ? 9.328   -4.760  -4.332  1.00 10.00 ? 11 U   A P 1 
ATOM   12 P P . C   A 1 12 ? 9.692   -7.984  0.386   1.00 10.00 ? 12 C   A P 1 
ATOM   13 P P . A   A 1 13 ? 5.134   -7.394  5.718   1.00 10.00 ? 13 A   A P 1 
ATOM   14 P P . G   A 1 14 ? 2.852   -6.884  10.432  1.00 10.00 ? 14 G   A P 1 
HETATM 15 P P . H2U A 1 15 ? -3.301  -6.367  10.929  1.00 10.00 ? 15 H2U A P 1 
HETATM 16 P P . H2U A 1 16 ? -9.529  -6.059  10.932  1.00 10.00 ? 16 H2U A P 1 
ATOM   17 P P . G   A 1 17 ? -14.108 -0.719  12.275  1.00 10.00 ? 17 G   A P 1 
ATOM   18 P P . G   A 1 18 ? -12.448 4.637   12.319  1.00 10.00 ? 18 G   A P 1 
ATOM   19 P P . G   A 1 19 ? -9.276  10.457  11.949  1.00 10.00 ? 19 G   A P 1 
ATOM   20 P P . A   A 1 20 ? -5.635  9.790   8.145   1.00 10.00 ? 20 A   A P 1 
ATOM   21 P P . G   A 1 21 ? 0.114   8.804   9.226   1.00 10.00 ? 21 G   A P 1 
ATOM   22 P P . A   A 1 22 ? 5.457   7.080   11.266  1.00 10.00 ? 22 A   A P 1 
ATOM   23 P P . G   A 1 23 ? 12.472  5.431   9.966   1.00 10.00 ? 23 G   A P 1 
ATOM   24 P P . C   A 1 24 ? 18.070  3.191   6.330   1.00 10.00 ? 24 C   A P 1 
HETATM 25 P P . M2G A 1 25 ? 20.520  3.916   0.974   1.00 10.00 ? 25 M2G A P 1 
ATOM   26 P P . C   A 1 26 ? 20.640  7.212   -3.956  1.00 10.00 ? 26 C   A P 1 
ATOM   27 P P . C   A 1 27 ? 20.555  12.199  -5.624  1.00 10.00 ? 27 C   A P 1 
ATOM   28 P P . A   A 1 28 ? 21.354  17.911  -4.748  1.00 10.00 ? 28 A   A P 1 
ATOM   29 P P . G   A 1 29 ? 23.237  22.116  -0.699  1.00 10.00 ? 29 G   A P 1 
ATOM   30 P P . A   A 1 30 ? 25.822  23.830  4.546   1.00 10.00 ? 30 A   A P 1 
HETATM 31 P P . OMC A 1 31 ? 27.913  23.244  10.695  1.00 10.00 ? 31 OMC A P 1 
ATOM   32 P P . U   A 1 32 ? 31.669  19.434  13.211  1.00 10.00 ? 32 U   A P 1 
HETATM 33 P P . OMG A 1 33 ? 37.022  18.439  12.029  1.00 10.00 ? 33 OMG A P 1 
ATOM   34 P P . A   A 1 34 ? 36.293  18.226  6.747   1.00 10.00 ? 34 A   A P 1 
ATOM   35 P P . A   A 1 35 ? 33.104  14.315  2.876   1.00 10.00 ? 35 A   A P 1 
HETATM 36 P P . YYG A 1 36 ? 29.467  9.384   2.721   1.00 10.00 ? 36 YYG A P 1 
ATOM   37 P P . A   A 1 37 ? 26.554  5.069   6.052   1.00 10.00 ? 37 A   A P 1 
HETATM 38 P P . PSU A 1 38 ? 22.901  5.554   10.911  1.00 10.00 ? 38 PSU A P 1 
HETATM 39 P P . 5MC A 1 39 ? 18.372  9.855   12.743  1.00 10.00 ? 39 5MC A P 1 
ATOM   40 P P . U   A 1 40 ? 14.692  15.266  13.178  1.00 10.00 ? 40 U   A P 1 
ATOM   41 P P . G   A 1 41 ? 12.056  19.148  10.318  1.00 10.00 ? 41 G   A P 1 
ATOM   42 P P . G   A 1 42 ? 9.417   20.473  5.058   1.00 10.00 ? 42 G   A P 1 
ATOM   43 P P . A   A 1 43 ? 7.409   20.389  0.137   1.00 10.00 ? 43 A   A P 1 
ATOM   44 P P . G   A 1 44 ? 4.711   15.612  -2.342  1.00 10.00 ? 44 G   A P 1 
HETATM 45 P P . 7MG A 1 45 ? 2.775   11.209  -4.946  1.00 10.00 ? 45 7MG A P 1 
ATOM   46 P P . U   A 1 46 ? -2.371  9.349   -5.420  1.00 10.00 ? 46 U   A P 1 
ATOM   47 P P . C   A 1 47 ? -6.923  5.116   -1.828  1.00 10.00 ? 47 C   A P 1 
HETATM 48 P P . 5MC A 1 48 ? -5.303  -1.243  -2.409  1.00 10.00 ? 48 5MC A P 1 
ATOM   49 P P . U   A 1 49 ? -7.400  2.554   -7.290  1.00 10.00 ? 49 U   A P 1 
ATOM   50 P P . G   A 1 50 ? -11.582 4.216   -10.615 1.00 10.00 ? 50 G   A P 1 
ATOM   51 P P . U   A 1 51 ? -16.732 6.043   -11.095 1.00 10.00 ? 51 U   A P 1 
ATOM   52 P P . G   A 1 52 ? -22.299 6.846   -7.955  1.00 10.00 ? 52 G   A P 1 
HETATM 53 P P . 5MU A 1 53 ? -26.253 5.690   -2.202  1.00 10.00 ? 53 5MU A P 1 
HETATM 54 P P . PSU A 1 54 ? -27.551 5.798   3.054   1.00 10.00 ? 54 PSU A P 1 
ATOM   55 P P . C   A 1 55 ? -27.014 9.117   7.708   1.00 10.00 ? 55 C   A P 1 
ATOM   56 P P . G   A 1 56 ? -22.783 11.799  5.028   1.00 10.00 ? 56 G   A P 1 
HETATM 57 P P . 1MA A 1 57 ? -17.209 9.937   3.609   1.00 10.00 ? 57 1MA A P 1 
ATOM   58 P P . U   A 1 58 ? -11.398 6.980   3.118   1.00 10.00 ? 58 U   A P 1 
ATOM   59 P P . C   A 1 59 ? -12.875 1.888   1.354   1.00 10.00 ? 59 C   A P 1 
ATOM   60 P P . C   A 1 60 ? -13.701 -4.047  4.648   1.00 10.00 ? 60 C   A P 1 
ATOM   61 P P . A   A 1 61 ? -18.290 -6.069  2.540   1.00 10.00 ? 61 A   A P 1 
ATOM   62 P P . C   A 1 62 ? -21.956 -8.006  -1.613  1.00 10.00 ? 62 C   A P 1 
ATOM   63 P P . A   A 1 63 ? -22.586 -9.274  -7.147  1.00 10.00 ? 63 A   A P 1 
ATOM   64 P P . G   A 1 64 ? -18.389 -9.690  -11.925 1.00 10.00 ? 64 G   A P 1 
ATOM   65 P P . A   A 1 65 ? -13.164 -9.188  -15.660 1.00 10.00 ? 65 A   A P 1 
ATOM   66 P P . A   A 1 66 ? -7.750  -8.978  -17.417 1.00 10.00 ? 66 A   A P 1 
ATOM   67 P P . U   A 1 67 ? -3.178  -12.599 -14.892 1.00 10.00 ? 67 U   A P 1 
ATOM   68 P P . U   A 1 68 ? 0.550   -16.087 -12.310 1.00 10.00 ? 68 U   A P 1 
ATOM   69 P P . C   A 1 69 ? 0.855   -20.727 -8.736  1.00 10.00 ? 69 C   A P 1 
ATOM   70 P P . G   A 1 70 ? -1.339  -25.437 -7.001  1.00 10.00 ? 70 G   A P 1 
ATOM   71 P P . C   A 1 71 ? -4.923  -30.673 -5.749  1.00 10.00 ? 71 C   A P 1 
ATOM   72 P P . A   A 1 72 ? -9.912  -34.833 -6.135  1.00 10.00 ? 72 A   A P 1 
ATOM   73 P P . C   A 1 73 ? -14.455 -36.530 -10.306 1.00 10.00 ? 73 C   A P 1 
ATOM   74 P P . C   A 1 74 ? -17.736 -35.145 -16.452 1.00 10.00 ? 74 C   A P 1 
ATOM   75 P P . A   A 1 75 ? -15.995 -41.126 -20.291 1.00 10.00 ? 75 A   A P 1 
# 
